data_5Y5T
#
_entry.id   5Y5T
#
_cell.length_a   40.246
_cell.length_b   84.979
_cell.length_c   42.142
_cell.angle_alpha   90.00
_cell.angle_beta   99.59
_cell.angle_gamma   90.00
#
_symmetry.space_group_name_H-M   'P 1 21 1'
#
loop_
_entity.id
_entity.type
_entity.pdbx_description
1 polymer 'Tyrosine-protein kinase SYK'
2 non-polymer 2-[[(1S,2S)-2-azanylcyclohexyl]amino]-4-[(4-methylsulfonylphenyl)amino]-6H-pyrido[4,3-d]pyrimidin-5-one
3 water water
#
_entity_poly.entity_id   1
_entity_poly.type   'polypeptide(L)'
_entity_poly.pdbx_seq_one_letter_code
;MALEEIRPKEVYLDRKLLTLEDKELGSGNFGTVKKGYYQMKKVVKTVAVKILKNEANDPALKDELLAEANVMQQLDNPYI
VRMIGICEAESWMLVMEMAELGPLNKYLQQNRHVKDKNIIELVHQVSMGMKYLEESNFVHRDLAARNVLLVTQHYAKISD
FGLSKALRADENYYKAQTHGKWPVKWYAPECINYYKFSSKSDVWSFGVLMWEAFSYGQKPYRGMKGSEVTAMLEKGERMG
CPAGCPREMYDLMNLCWTYDVENRPGFAAVELRLRNYYYDVVNLEHHHHHHHH
;
_entity_poly.pdbx_strand_id   A
#
loop_
_chem_comp.id
_chem_comp.type
_chem_comp.name
_chem_comp.formula
8OR non-polymer 2-[[(1S,2S)-2-azanylcyclohexyl]amino]-4-[(4-methylsulfonylphenyl)amino]-6H-pyrido[4,3-d]pyrimidin-5-one 'C20 H24 N6 O3 S'
#
# COMPACT_ATOMS: atom_id res chain seq x y z
N VAL A 11 18.72 11.78 -3.21
CA VAL A 11 19.19 13.04 -3.88
C VAL A 11 18.58 14.27 -3.20
N TYR A 12 19.40 15.31 -3.02
CA TYR A 12 18.99 16.52 -2.32
C TYR A 12 18.49 17.57 -3.31
N LEU A 13 17.36 18.18 -2.98
CA LEU A 13 16.69 19.12 -3.88
C LEU A 13 16.91 20.56 -3.46
N ASP A 14 16.73 21.46 -4.41
CA ASP A 14 17.01 22.86 -4.22
C ASP A 14 15.73 23.57 -3.85
N ARG A 15 15.69 24.15 -2.67
CA ARG A 15 14.49 24.68 -2.10
C ARG A 15 13.90 25.77 -2.93
N LYS A 16 14.74 26.52 -3.60
CA LYS A 16 14.29 27.65 -4.38
C LYS A 16 13.64 27.23 -5.72
N LEU A 17 13.79 25.98 -6.06
CA LEU A 17 13.03 25.36 -7.14
C LEU A 17 11.69 24.74 -6.70
N LEU A 18 11.37 24.83 -5.41
CA LEU A 18 10.12 24.26 -4.86
C LEU A 18 9.15 25.36 -4.42
N THR A 19 7.93 25.31 -4.96
CA THR A 19 6.81 26.15 -4.51
C THR A 19 5.79 25.26 -3.85
N LEU A 20 5.34 25.64 -2.64
CA LEU A 20 4.32 24.87 -1.91
C LEU A 20 2.98 25.59 -1.89
N GLU A 21 1.89 24.82 -1.92
CA GLU A 21 0.54 25.33 -1.66
C GLU A 21 0.41 25.58 -0.16
N ASP A 22 -0.28 26.66 0.20
CA ASP A 22 -0.50 27.01 1.61
C ASP A 22 -1.40 25.99 2.33
N LYS A 23 -2.43 25.50 1.63
CA LYS A 23 -3.28 24.43 2.17
C LYS A 23 -2.53 23.08 2.17
N GLU A 24 -3.03 22.13 2.95
CA GLU A 24 -2.44 20.80 3.05
C GLU A 24 -3.42 19.71 2.60
N LEU A 25 -2.88 18.55 2.24
CA LEU A 25 -3.68 17.37 1.86
C LEU A 25 -4.05 16.50 3.06
N GLY A 26 -3.23 16.52 4.11
CA GLY A 26 -3.50 15.72 5.32
C GLY A 26 -2.35 15.74 6.32
N THR A 32 2.97 16.48 7.91
CA THR A 32 1.88 16.86 7.02
C THR A 32 2.26 16.68 5.53
N VAL A 33 1.26 16.42 4.69
CA VAL A 33 1.46 16.29 3.25
C VAL A 33 0.82 17.47 2.53
N LYS A 34 1.59 18.17 1.68
CA LYS A 34 1.07 19.29 0.89
C LYS A 34 1.45 19.19 -0.61
N LYS A 35 0.58 19.75 -1.45
CA LYS A 35 0.86 19.87 -2.88
C LYS A 35 1.87 21.00 -3.11
N GLY A 36 2.76 20.79 -4.08
CA GLY A 36 3.71 21.80 -4.52
C GLY A 36 4.10 21.57 -5.97
N TYR A 37 5.11 22.32 -6.41
CA TYR A 37 5.62 22.30 -7.78
C TYR A 37 7.13 22.34 -7.77
N TYR A 38 7.77 21.44 -8.52
CA TYR A 38 9.23 21.44 -8.62
C TYR A 38 9.71 21.74 -10.02
N GLN A 39 10.48 22.79 -10.15
CA GLN A 39 10.94 23.24 -11.42
C GLN A 39 11.95 22.29 -11.88
N MET A 40 11.70 21.68 -13.02
CA MET A 40 12.66 20.88 -13.69
C MET A 40 13.23 21.83 -14.75
N LYS A 41 13.93 21.29 -15.71
CA LYS A 41 14.62 22.13 -16.69
C LYS A 41 13.72 23.05 -17.54
N LYS A 42 12.59 22.53 -18.00
CA LYS A 42 11.78 23.22 -18.97
C LYS A 42 10.33 23.10 -18.58
N VAL A 43 10.09 22.14 -17.73
CA VAL A 43 8.73 21.92 -17.24
C VAL A 43 8.74 22.01 -15.73
N VAL A 44 7.55 22.20 -15.16
CA VAL A 44 7.36 22.20 -13.73
C VAL A 44 6.58 20.91 -13.40
N LYS A 45 7.02 20.17 -12.38
CA LYS A 45 6.36 18.93 -11.99
C LYS A 45 5.57 19.14 -10.72
N THR A 46 4.30 18.75 -10.76
CA THR A 46 3.44 18.79 -9.59
C THR A 46 3.92 17.67 -8.67
N VAL A 47 4.08 18.00 -7.39
CA VAL A 47 4.62 17.07 -6.39
C VAL A 47 3.79 17.07 -5.13
N ALA A 48 3.88 15.95 -4.41
CA ALA A 48 3.35 15.81 -3.07
C ALA A 48 4.54 15.82 -2.16
N VAL A 49 4.45 16.62 -1.10
CA VAL A 49 5.56 16.85 -0.19
C VAL A 49 5.16 16.47 1.23
N LYS A 50 5.89 15.51 1.82
CA LYS A 50 5.72 15.12 3.21
C LYS A 50 6.68 15.95 4.04
N ILE A 51 6.13 16.77 4.93
CA ILE A 51 6.92 17.77 5.67
C ILE A 51 6.94 17.41 7.15
N LEU A 52 8.09 17.44 7.73
CA LEU A 52 8.27 16.91 9.06
C LEU A 52 8.09 18.00 10.12
N LYS A 53 7.18 17.80 11.06
CA LYS A 53 6.92 18.78 12.13
C LYS A 53 8.06 18.93 13.09
N ASN A 54 8.58 20.13 13.24
CA ASN A 54 9.98 20.37 13.53
C ASN A 54 10.25 20.16 15.02
N ALA A 60 14.85 10.98 16.63
CA ALA A 60 14.75 9.79 15.78
C ALA A 60 13.53 9.80 14.84
N LEU A 61 12.81 10.92 14.81
CA LEU A 61 11.66 11.09 13.92
C LEU A 61 12.15 11.55 12.53
N LYS A 62 13.19 12.37 12.53
CA LYS A 62 14.03 12.65 11.35
C LYS A 62 14.51 11.38 10.67
N ASP A 63 15.08 10.47 11.45
CA ASP A 63 15.68 9.23 10.92
C ASP A 63 14.66 8.30 10.22
N GLU A 64 13.41 8.35 10.67
CA GLU A 64 12.32 7.56 10.06
C GLU A 64 11.93 8.05 8.67
N LEU A 65 11.93 9.37 8.50
CA LEU A 65 11.67 9.96 7.19
C LEU A 65 12.79 9.59 6.25
N LEU A 66 14.02 9.63 6.77
CA LEU A 66 15.20 9.26 5.98
C LEU A 66 15.18 7.78 5.58
N ALA A 67 14.70 6.94 6.50
CA ALA A 67 14.53 5.52 6.23
C ALA A 67 13.55 5.34 5.08
N GLU A 68 12.42 6.05 5.16
CA GLU A 68 11.39 6.00 4.12
C GLU A 68 11.92 6.42 2.75
N ALA A 69 12.63 7.55 2.70
CA ALA A 69 13.28 8.01 1.47
C ALA A 69 14.32 7.00 0.95
N ASN A 70 15.07 6.38 1.85
CA ASN A 70 16.05 5.34 1.50
C ASN A 70 15.41 4.14 0.81
N VAL A 71 14.22 3.72 1.27
CA VAL A 71 13.49 2.65 0.59
C VAL A 71 12.99 3.09 -0.77
N MET A 72 12.35 4.26 -0.84
CA MET A 72 11.74 4.72 -2.11
C MET A 72 12.77 4.96 -3.20
N GLN A 73 13.94 5.45 -2.81
CA GLN A 73 15.07 5.62 -3.75
C GLN A 73 15.55 4.30 -4.41
N GLN A 74 15.35 3.15 -3.76
CA GLN A 74 15.73 1.86 -4.33
C GLN A 74 14.64 1.24 -5.20
N LEU A 75 13.45 1.82 -5.22
CA LEU A 75 12.34 1.23 -5.94
C LEU A 75 12.07 2.00 -7.23
N ASP A 76 11.82 1.26 -8.32
CA ASP A 76 11.55 1.81 -9.62
C ASP A 76 10.54 0.90 -10.31
N ASN A 77 9.27 1.31 -10.25
CA ASN A 77 8.15 0.52 -10.76
C ASN A 77 6.97 1.43 -11.05
N PRO A 78 6.25 1.19 -12.16
CA PRO A 78 5.10 2.05 -12.45
C PRO A 78 4.00 2.07 -11.39
N TYR A 79 3.88 1.00 -10.62
CA TYR A 79 2.80 0.87 -9.63
C TYR A 79 3.24 1.19 -8.19
N ILE A 80 4.35 1.90 -8.08
CA ILE A 80 4.88 2.37 -6.83
C ILE A 80 5.15 3.87 -6.96
N VAL A 81 4.70 4.62 -5.95
CA VAL A 81 4.98 6.05 -5.86
C VAL A 81 6.50 6.33 -5.91
N ARG A 82 6.87 7.24 -6.80
CA ARG A 82 8.25 7.63 -6.98
C ARG A 82 8.58 8.79 -6.07
N MET A 83 9.78 8.73 -5.52
CA MET A 83 10.37 9.83 -4.80
C MET A 83 11.15 10.68 -5.79
N ILE A 84 11.01 12.00 -5.66
CA ILE A 84 11.78 12.97 -6.43
C ILE A 84 13.08 13.26 -5.66
N GLY A 85 12.97 13.55 -4.38
CA GLY A 85 14.17 13.74 -3.58
C GLY A 85 13.81 14.23 -2.20
N ILE A 86 14.82 14.71 -1.48
CA ILE A 86 14.61 15.29 -0.15
C ILE A 86 15.09 16.71 -0.21
N CYS A 87 14.38 17.59 0.49
CA CYS A 87 14.73 19.01 0.56
C CYS A 87 14.85 19.41 2.01
N GLU A 88 16.07 19.73 2.43
CA GLU A 88 16.38 20.24 3.76
C GLU A 88 16.24 21.73 3.80
N ALA A 89 15.14 22.19 4.32
CA ALA A 89 15.05 23.55 4.70
C ALA A 89 13.95 23.71 5.71
N GLU A 90 14.23 24.27 6.85
CA GLU A 90 13.18 24.90 7.67
C GLU A 90 12.28 23.90 8.28
N SER A 91 11.61 23.10 7.46
CA SER A 91 11.48 21.68 7.71
C SER A 91 12.20 20.73 6.76
N TRP A 92 12.41 19.51 7.22
CA TRP A 92 12.76 18.41 6.36
C TRP A 92 11.59 18.02 5.51
N MET A 93 11.83 17.68 4.26
CA MET A 93 10.75 17.46 3.29
C MET A 93 11.07 16.32 2.35
N LEU A 94 10.12 15.38 2.21
CA LEU A 94 10.25 14.27 1.26
C LEU A 94 9.35 14.59 0.05
N VAL A 95 9.98 14.82 -1.09
CA VAL A 95 9.28 15.27 -2.29
C VAL A 95 9.02 14.05 -3.18
N MET A 96 7.74 13.84 -3.49
CA MET A 96 7.29 12.67 -4.26
C MET A 96 6.38 13.09 -5.41
N GLU A 97 6.21 12.18 -6.39
CA GLU A 97 5.22 12.42 -7.44
C GLU A 97 3.83 12.50 -6.85
N MET A 98 2.97 13.28 -7.51
CA MET A 98 1.59 13.52 -7.13
C MET A 98 0.65 12.49 -7.76
N ALA A 99 -0.18 11.84 -6.93
CA ALA A 99 -1.32 11.03 -7.38
C ALA A 99 -2.59 11.81 -7.07
N GLU A 100 -3.13 12.49 -8.08
CA GLU A 100 -4.16 13.52 -7.90
C GLU A 100 -5.50 13.02 -7.34
N LEU A 101 -5.89 11.81 -7.72
CA LEU A 101 -7.19 11.26 -7.31
C LEU A 101 -7.20 10.73 -5.87
N GLY A 102 -6.03 10.59 -5.24
CA GLY A 102 -5.93 10.30 -3.83
C GLY A 102 -6.17 8.84 -3.46
N PRO A 103 -6.33 8.56 -2.16
CA PRO A 103 -6.46 7.17 -1.65
C PRO A 103 -7.61 6.35 -2.29
N LEU A 104 -7.34 5.08 -2.54
CA LEU A 104 -8.28 4.18 -3.21
C LEU A 104 -9.61 4.03 -2.47
N ASN A 105 -9.54 3.91 -1.15
CA ASN A 105 -10.74 3.66 -0.36
C ASN A 105 -11.68 4.86 -0.44
N LYS A 106 -11.13 6.05 -0.27
CA LYS A 106 -11.89 7.30 -0.40
C LYS A 106 -12.48 7.46 -1.81
N TYR A 107 -11.67 7.23 -2.83
CA TYR A 107 -12.16 7.36 -4.21
C TYR A 107 -13.36 6.44 -4.46
N LEU A 108 -13.24 5.17 -4.07
CA LEU A 108 -14.29 4.20 -4.37
C LEU A 108 -15.56 4.46 -3.56
N GLN A 109 -15.40 4.93 -2.33
CA GLN A 109 -16.52 5.38 -1.50
C GLN A 109 -17.35 6.46 -2.19
N GLN A 110 -16.68 7.38 -2.89
CA GLN A 110 -17.33 8.51 -3.58
C GLN A 110 -17.67 8.25 -5.04
N ASN A 111 -17.33 7.06 -5.55
CA ASN A 111 -17.48 6.70 -6.95
C ASN A 111 -17.97 5.26 -7.10
N ARG A 112 -19.18 5.04 -6.60
CA ARG A 112 -19.80 3.70 -6.53
C ARG A 112 -20.25 3.12 -7.88
N HIS A 113 -20.24 3.95 -8.92
CA HIS A 113 -20.42 3.54 -10.31
C HIS A 113 -19.22 2.82 -10.92
N VAL A 114 -18.04 2.91 -10.27
CA VAL A 114 -16.87 2.19 -10.76
C VAL A 114 -17.26 0.72 -10.86
N LYS A 115 -16.93 0.12 -12.00
CA LYS A 115 -17.36 -1.24 -12.30
C LYS A 115 -16.36 -2.28 -11.80
N ASP A 116 -16.86 -3.48 -11.57
CA ASP A 116 -16.05 -4.64 -11.19
C ASP A 116 -14.76 -4.81 -11.98
N LYS A 117 -14.86 -4.70 -13.31
CA LYS A 117 -13.70 -4.83 -14.21
C LYS A 117 -12.61 -3.82 -13.86
N ASN A 118 -13.03 -2.62 -13.52
CA ASN A 118 -12.14 -1.53 -13.16
C ASN A 118 -11.45 -1.80 -11.84
N ILE A 119 -12.20 -2.34 -10.89
CA ILE A 119 -11.64 -2.70 -9.62
C ILE A 119 -10.65 -3.84 -9.77
N ILE A 120 -11.01 -4.83 -10.56
CA ILE A 120 -10.10 -5.90 -10.89
C ILE A 120 -8.80 -5.31 -11.42
N GLU A 121 -8.92 -4.41 -12.41
CA GLU A 121 -7.79 -3.72 -13.03
C GLU A 121 -6.87 -3.06 -11.99
N LEU A 122 -7.46 -2.30 -11.08
CA LEU A 122 -6.68 -1.57 -10.07
C LEU A 122 -6.00 -2.49 -9.08
N VAL A 123 -6.71 -3.51 -8.57
CA VAL A 123 -6.06 -4.46 -7.63
C VAL A 123 -4.99 -5.29 -8.34
N HIS A 124 -5.20 -5.59 -9.62
CA HIS A 124 -4.16 -6.26 -10.37
C HIS A 124 -2.90 -5.41 -10.41
N GLN A 125 -3.05 -4.11 -10.69
CA GLN A 125 -1.92 -3.17 -10.67
C GLN A 125 -1.20 -3.19 -9.31
N VAL A 126 -1.97 -3.10 -8.23
CA VAL A 126 -1.40 -3.25 -6.87
C VAL A 126 -0.60 -4.56 -6.75
N SER A 127 -1.16 -5.67 -7.24
CA SER A 127 -0.44 -6.95 -7.19
C SER A 127 0.84 -6.96 -8.02
N MET A 128 0.86 -6.20 -9.12
CA MET A 128 2.08 -6.07 -9.93
C MET A 128 3.16 -5.29 -9.17
N GLY A 129 2.78 -4.18 -8.55
CA GLY A 129 3.72 -3.44 -7.69
C GLY A 129 4.21 -4.29 -6.54
N MET A 130 3.32 -5.09 -5.94
CA MET A 130 3.71 -5.95 -4.81
C MET A 130 4.58 -7.14 -5.26
N LYS A 131 4.28 -7.72 -6.43
CA LYS A 131 5.18 -8.72 -7.07
C LYS A 131 6.61 -8.16 -7.16
N TYR A 132 6.73 -6.96 -7.70
CA TYR A 132 8.03 -6.28 -7.80
C TYR A 132 8.69 -6.04 -6.42
N LEU A 133 7.90 -5.57 -5.45
CA LEU A 133 8.41 -5.34 -4.09
C LEU A 133 8.92 -6.66 -3.51
N GLU A 134 8.15 -7.72 -3.66
CA GLU A 134 8.54 -9.07 -3.22
C GLU A 134 9.87 -9.50 -3.89
N GLU A 135 9.96 -9.29 -5.19
CA GLU A 135 11.21 -9.62 -5.95
C GLU A 135 12.42 -8.84 -5.44
N SER A 136 12.18 -7.59 -5.04
CA SER A 136 13.19 -6.70 -4.52
C SER A 136 13.52 -6.96 -3.05
N ASN A 137 12.82 -7.93 -2.45
CA ASN A 137 12.97 -8.28 -1.05
C ASN A 137 12.77 -7.13 -0.08
N PHE A 138 11.68 -6.39 -0.33
CA PHE A 138 11.17 -5.40 0.60
C PHE A 138 9.83 -5.86 1.12
N VAL A 139 9.61 -5.64 2.39
CA VAL A 139 8.28 -5.84 3.00
C VAL A 139 7.65 -4.48 3.25
N HIS A 140 6.39 -4.33 2.85
CA HIS A 140 5.70 -3.05 2.92
C HIS A 140 5.27 -2.77 4.38
N ARG A 141 4.56 -3.72 5.00
CA ARG A 141 4.13 -3.67 6.42
C ARG A 141 2.97 -2.73 6.78
N ASP A 142 2.43 -2.05 5.78
CA ASP A 142 1.27 -1.18 5.95
C ASP A 142 0.41 -1.12 4.68
N LEU A 143 0.24 -2.27 4.02
CA LEU A 143 -0.52 -2.36 2.79
C LEU A 143 -2.01 -2.34 3.13
N ALA A 144 -2.71 -1.38 2.56
CA ALA A 144 -4.12 -1.16 2.85
C ALA A 144 -4.65 -0.25 1.74
N ALA A 145 -5.97 -0.22 1.55
CA ALA A 145 -6.56 0.63 0.50
C ALA A 145 -6.23 2.11 0.65
N ARG A 146 -6.08 2.57 1.90
CA ARG A 146 -5.65 3.95 2.16
C ARG A 146 -4.26 4.31 1.61
N ASN A 147 -3.44 3.29 1.38
CA ASN A 147 -2.09 3.45 0.89
C ASN A 147 -1.93 2.96 -0.55
N VAL A 148 -3.03 3.00 -1.28
CA VAL A 148 -3.01 2.91 -2.70
C VAL A 148 -3.56 4.24 -3.18
N LEU A 149 -2.78 4.92 -4.01
CA LEU A 149 -3.13 6.21 -4.56
C LEU A 149 -3.44 6.09 -6.04
N LEU A 150 -4.47 6.82 -6.48
CA LEU A 150 -4.88 6.81 -7.88
C LEU A 150 -4.31 8.00 -8.63
N VAL A 151 -3.54 7.69 -9.68
CA VAL A 151 -3.11 8.70 -10.63
C VAL A 151 -4.30 9.05 -11.53
N THR A 152 -4.94 8.00 -12.04
CA THR A 152 -6.23 8.09 -12.73
C THR A 152 -7.12 6.96 -12.21
N GLN A 153 -8.33 6.91 -12.70
CA GLN A 153 -9.26 5.86 -12.38
C GLN A 153 -8.75 4.52 -12.86
N HIS A 154 -7.83 4.47 -13.79
CA HIS A 154 -7.27 3.24 -14.33
C HIS A 154 -5.76 3.10 -14.06
N TYR A 155 -5.26 3.80 -13.02
CA TYR A 155 -3.83 3.73 -12.71
C TYR A 155 -3.59 3.93 -11.20
N ALA A 156 -3.19 2.86 -10.53
CA ALA A 156 -2.99 2.84 -9.08
C ALA A 156 -1.50 2.73 -8.76
N LYS A 157 -1.09 3.39 -7.68
CA LYS A 157 0.26 3.29 -7.15
C LYS A 157 0.24 3.03 -5.64
N ILE A 158 1.14 2.18 -5.19
CA ILE A 158 1.36 1.88 -3.77
C ILE A 158 2.18 2.99 -3.13
N SER A 159 1.71 3.45 -1.97
CA SER A 159 2.36 4.53 -1.25
C SER A 159 2.70 4.11 0.16
N ASP A 160 3.29 5.05 0.90
CA ASP A 160 3.45 4.97 2.33
C ASP A 160 4.38 3.85 2.78
N PHE A 161 5.66 4.07 2.52
CA PHE A 161 6.73 3.13 2.84
C PHE A 161 7.41 3.36 4.19
N GLY A 162 6.75 4.12 5.07
CA GLY A 162 7.27 4.43 6.40
C GLY A 162 7.55 3.24 7.31
N LEU A 163 6.79 2.15 7.17
CA LEU A 163 7.01 0.94 7.98
C LEU A 163 7.80 -0.14 7.24
N SER A 164 8.24 0.16 6.02
CA SER A 164 8.79 -0.85 5.10
C SER A 164 10.23 -1.20 5.47
N LYS A 165 10.62 -2.44 5.20
CA LYS A 165 11.96 -2.94 5.58
C LYS A 165 12.59 -3.66 4.43
N ALA A 166 13.89 -3.47 4.26
CA ALA A 166 14.64 -4.20 3.26
C ALA A 166 15.11 -5.51 3.92
N LEU A 167 14.71 -6.65 3.39
CA LEU A 167 15.07 -7.93 4.02
C LEU A 167 16.56 -8.21 3.79
N ARG A 168 17.22 -8.79 4.77
CA ARG A 168 18.61 -9.24 4.59
C ARG A 168 18.70 -10.32 3.52
N ALA A 169 19.85 -10.39 2.88
CA ALA A 169 20.04 -11.33 1.78
C ALA A 169 19.83 -12.79 2.21
N ASP A 170 20.01 -13.08 3.51
CA ASP A 170 19.90 -14.46 4.06
C ASP A 170 18.60 -14.74 4.86
N GLU A 171 17.56 -13.96 4.64
CA GLU A 171 16.33 -14.12 5.43
C GLU A 171 15.12 -13.76 4.58
N ASN A 172 13.99 -14.38 4.89
CA ASN A 172 12.75 -14.01 4.26
C ASN A 172 11.76 -13.30 5.19
N TYR A 173 12.18 -12.87 6.36
CA TYR A 173 11.31 -12.05 7.18
C TYR A 173 12.07 -11.06 8.01
N TYR A 174 11.33 -10.05 8.47
CA TYR A 174 11.79 -9.02 9.39
C TYR A 174 11.10 -9.24 10.74
N LYS A 175 11.89 -9.26 11.82
CA LYS A 175 11.41 -9.45 13.16
C LYS A 175 11.34 -8.10 13.85
N ALA A 176 10.14 -7.67 14.20
CA ALA A 176 9.95 -6.43 14.94
C ALA A 176 10.09 -6.71 16.43
N GLN A 177 10.22 -5.62 17.20
CA GLN A 177 10.04 -5.66 18.64
C GLN A 177 8.93 -4.70 19.09
N THR A 178 7.75 -5.25 19.37
CA THR A 178 6.71 -4.60 20.20
C THR A 178 6.24 -3.21 19.73
N HIS A 179 6.30 -3.01 18.41
CA HIS A 179 5.78 -1.80 17.84
C HIS A 179 4.36 -1.93 18.19
N GLY A 180 3.72 -0.81 18.47
CA GLY A 180 2.33 -0.80 18.82
C GLY A 180 1.41 0.09 18.02
N LYS A 181 1.94 0.85 17.09
CA LYS A 181 1.05 1.68 16.30
C LYS A 181 0.72 0.79 15.10
N TRP A 182 0.13 -0.38 15.35
CA TRP A 182 0.00 -1.38 14.30
C TRP A 182 -1.41 -1.42 13.69
N PRO A 183 -1.51 -1.46 12.34
CA PRO A 183 -2.82 -1.65 11.70
C PRO A 183 -3.24 -3.13 11.75
N VAL A 184 -3.66 -3.55 12.94
CA VAL A 184 -3.95 -4.95 13.28
C VAL A 184 -4.93 -5.60 12.29
N LYS A 185 -5.93 -4.85 11.85
CA LYS A 185 -6.93 -5.39 10.89
C LYS A 185 -6.33 -5.76 9.55
N TRP A 186 -5.11 -5.29 9.25
CA TRP A 186 -4.43 -5.65 8.02
C TRP A 186 -3.33 -6.67 8.23
N TYR A 187 -3.09 -7.05 9.48
CA TYR A 187 -1.97 -7.92 9.83
C TYR A 187 -2.29 -9.41 9.88
N ALA A 188 -1.37 -10.20 9.33
CA ALA A 188 -1.46 -11.65 9.35
C ALA A 188 -1.23 -12.17 10.77
N PRO A 189 -1.77 -13.35 11.07
CA PRO A 189 -1.63 -13.92 12.41
C PRO A 189 -0.19 -14.01 12.91
N GLU A 190 0.74 -14.38 12.03
CA GLU A 190 2.15 -14.47 12.44
C GLU A 190 2.79 -13.15 12.82
N CYS A 191 2.27 -12.04 12.28
CA CYS A 191 2.71 -10.71 12.68
C CYS A 191 2.29 -10.44 14.12
N ILE A 192 1.05 -10.78 14.44
CA ILE A 192 0.50 -10.56 15.78
C ILE A 192 1.14 -11.53 16.78
N ASN A 193 1.29 -12.78 16.38
CA ASN A 193 1.72 -13.83 17.31
C ASN A 193 3.20 -13.96 17.48
N TYR A 194 3.96 -13.70 16.42
CA TYR A 194 5.41 -13.86 16.43
C TYR A 194 6.20 -12.66 15.93
N TYR A 195 5.54 -11.54 15.62
CA TYR A 195 6.19 -10.31 15.14
C TYR A 195 7.02 -10.50 13.88
N LYS A 196 6.60 -11.45 13.05
CA LYS A 196 7.33 -11.81 11.85
C LYS A 196 6.64 -11.26 10.63
N PHE A 197 7.34 -10.41 9.89
CA PHE A 197 6.81 -9.72 8.70
C PHE A 197 7.54 -10.16 7.48
N SER A 198 6.79 -10.68 6.51
CA SER A 198 7.35 -11.20 5.24
C SER A 198 6.51 -10.73 4.06
N SER A 199 6.94 -11.05 2.84
CA SER A 199 6.08 -10.80 1.69
C SER A 199 4.74 -11.57 1.81
N LYS A 200 4.77 -12.76 2.41
CA LYS A 200 3.53 -13.50 2.72
C LYS A 200 2.59 -12.73 3.69
N SER A 201 3.12 -12.04 4.69
CA SER A 201 2.26 -11.22 5.52
C SER A 201 1.70 -10.03 4.73
N ASP A 202 2.50 -9.45 3.82
CA ASP A 202 1.94 -8.46 2.89
C ASP A 202 0.80 -9.04 2.04
N VAL A 203 0.90 -10.33 1.65
CA VAL A 203 -0.17 -10.98 0.89
C VAL A 203 -1.48 -10.99 1.68
N TRP A 204 -1.38 -11.28 3.00
CA TRP A 204 -2.54 -11.23 3.87
C TRP A 204 -3.17 -9.84 3.78
N SER A 205 -2.34 -8.81 3.95
CA SER A 205 -2.78 -7.41 3.85
C SER A 205 -3.45 -7.10 2.54
N PHE A 206 -2.88 -7.62 1.45
CA PHE A 206 -3.47 -7.51 0.13
C PHE A 206 -4.88 -8.11 0.03
N GLY A 207 -5.11 -9.26 0.66
CA GLY A 207 -6.48 -9.78 0.80
C GLY A 207 -7.46 -8.83 1.46
N VAL A 208 -7.03 -8.20 2.56
CA VAL A 208 -7.86 -7.21 3.23
C VAL A 208 -8.11 -6.03 2.27
N LEU A 209 -7.05 -5.58 1.62
CA LEU A 209 -7.17 -4.52 0.62
C LEU A 209 -8.16 -4.87 -0.49
N MET A 210 -8.11 -6.09 -0.99
CA MET A 210 -9.03 -6.52 -2.02
C MET A 210 -10.45 -6.43 -1.52
N TRP A 211 -10.69 -6.87 -0.29
CA TRP A 211 -11.98 -6.81 0.28
C TRP A 211 -12.44 -5.40 0.37
N GLU A 212 -11.56 -4.51 0.81
CA GLU A 212 -11.86 -3.12 0.90
C GLU A 212 -12.23 -2.59 -0.47
N ALA A 213 -11.48 -2.93 -1.48
CA ALA A 213 -11.74 -2.39 -2.78
C ALA A 213 -13.09 -2.83 -3.35
N PHE A 214 -13.38 -4.10 -3.25
CA PHE A 214 -14.64 -4.64 -3.76
C PHE A 214 -15.84 -4.21 -2.91
N SER A 215 -15.57 -3.71 -1.74
CA SER A 215 -16.54 -3.15 -0.86
C SER A 215 -16.65 -1.63 -1.00
N TYR A 216 -16.07 -1.09 -2.03
CA TYR A 216 -16.14 0.36 -2.22
C TYR A 216 -15.72 1.17 -0.99
N GLY A 217 -14.60 0.80 -0.40
CA GLY A 217 -13.96 1.57 0.66
C GLY A 217 -14.46 1.44 2.07
N GLN A 218 -15.30 0.45 2.30
CA GLN A 218 -15.80 0.17 3.65
C GLN A 218 -14.62 -0.20 4.56
N LYS A 219 -14.64 0.14 5.85
CA LYS A 219 -13.59 -0.36 6.73
C LYS A 219 -13.79 -1.87 6.96
N PRO A 220 -12.68 -2.62 7.04
CA PRO A 220 -12.80 -4.04 7.41
C PRO A 220 -13.09 -4.24 8.89
N TYR A 221 -13.68 -5.37 9.26
CA TYR A 221 -13.95 -5.72 10.66
C TYR A 221 -14.65 -4.58 11.45
N ARG A 222 -15.67 -4.01 10.84
CA ARG A 222 -16.35 -2.82 11.37
C ARG A 222 -16.76 -3.03 12.82
N GLY A 223 -16.44 -2.04 13.65
CA GLY A 223 -16.82 -2.06 15.05
C GLY A 223 -16.05 -3.00 15.96
N MET A 224 -15.03 -3.69 15.44
CA MET A 224 -14.29 -4.67 16.23
C MET A 224 -12.99 -4.08 16.71
N LYS A 225 -12.60 -4.42 17.92
CA LYS A 225 -11.24 -4.19 18.43
C LYS A 225 -10.27 -5.21 17.84
N GLY A 226 -8.99 -4.85 17.85
CA GLY A 226 -7.92 -5.75 17.40
C GLY A 226 -8.01 -7.15 17.98
N SER A 227 -8.14 -7.26 19.30
CA SER A 227 -8.26 -8.55 19.98
C SER A 227 -9.45 -9.38 19.50
N GLU A 228 -10.55 -8.72 19.17
CA GLU A 228 -11.73 -9.41 18.66
C GLU A 228 -11.49 -9.94 17.23
N VAL A 229 -10.72 -9.20 16.45
CA VAL A 229 -10.32 -9.64 15.11
C VAL A 229 -9.42 -10.84 15.22
N THR A 230 -8.41 -10.78 16.10
CA THR A 230 -7.53 -11.92 16.31
C THR A 230 -8.32 -13.17 16.70
N ALA A 231 -9.31 -12.99 17.58
CA ALA A 231 -10.18 -14.10 18.03
C ALA A 231 -11.05 -14.65 16.91
N MET A 232 -11.62 -13.75 16.12
CA MET A 232 -12.43 -14.16 14.97
C MET A 232 -11.60 -15.02 14.02
N LEU A 233 -10.40 -14.56 13.68
CA LEU A 233 -9.50 -15.24 12.76
C LEU A 233 -9.03 -16.59 13.30
N GLU A 234 -8.78 -16.65 14.59
CA GLU A 234 -8.38 -17.90 15.20
C GLU A 234 -9.47 -18.99 15.17
N LYS A 235 -10.74 -18.58 15.17
CA LYS A 235 -11.85 -19.51 14.98
C LYS A 235 -12.01 -19.94 13.50
N GLY A 236 -11.15 -19.46 12.62
CA GLY A 236 -11.27 -19.72 11.18
C GLY A 236 -12.29 -18.86 10.47
N GLU A 237 -12.82 -17.84 11.13
CA GLU A 237 -13.81 -16.99 10.50
C GLU A 237 -13.12 -15.92 9.68
N ARG A 238 -13.76 -15.53 8.59
CA ARG A 238 -13.23 -14.55 7.65
C ARG A 238 -14.37 -13.64 7.22
N MET A 239 -14.03 -12.41 6.81
CA MET A 239 -15.02 -11.49 6.27
C MET A 239 -15.70 -12.12 5.04
N GLY A 240 -16.96 -11.80 4.82
CA GLY A 240 -17.75 -12.35 3.72
C GLY A 240 -17.49 -11.75 2.36
N CYS A 241 -18.19 -12.26 1.36
CA CYS A 241 -17.99 -11.84 -0.03
C CYS A 241 -18.72 -10.52 -0.24
N PRO A 242 -17.99 -9.46 -0.65
CA PRO A 242 -18.69 -8.19 -0.90
C PRO A 242 -19.78 -8.31 -1.97
N ALA A 243 -20.82 -7.51 -1.86
CA ALA A 243 -21.88 -7.45 -2.90
C ALA A 243 -21.28 -7.14 -4.27
N GLY A 244 -21.62 -7.98 -5.25
CA GLY A 244 -21.17 -7.80 -6.63
C GLY A 244 -19.74 -8.21 -6.92
N CYS A 245 -19.06 -8.83 -5.94
CA CYS A 245 -17.68 -9.23 -6.11
C CYS A 245 -17.70 -10.56 -6.80
N PRO A 246 -17.01 -10.69 -7.95
CA PRO A 246 -16.93 -12.01 -8.60
C PRO A 246 -16.41 -13.07 -7.64
N ARG A 247 -17.02 -14.24 -7.66
CA ARG A 247 -16.65 -15.26 -6.68
C ARG A 247 -15.16 -15.65 -6.74
N GLU A 248 -14.58 -15.63 -7.94
CA GLU A 248 -13.15 -15.93 -8.15
C GLU A 248 -12.23 -14.96 -7.40
N MET A 249 -12.67 -13.71 -7.32
CA MET A 249 -11.99 -12.65 -6.55
C MET A 249 -12.14 -12.86 -5.04
N TYR A 250 -13.33 -13.22 -4.57
CA TYR A 250 -13.50 -13.63 -3.17
C TYR A 250 -12.68 -14.86 -2.83
N ASP A 251 -12.67 -15.86 -3.71
CA ASP A 251 -11.80 -17.04 -3.52
C ASP A 251 -10.33 -16.61 -3.36
N LEU A 252 -9.86 -15.71 -4.21
CA LEU A 252 -8.50 -15.18 -4.09
C LEU A 252 -8.26 -14.46 -2.74
N MET A 253 -9.21 -13.65 -2.30
CA MET A 253 -9.15 -13.02 -0.95
C MET A 253 -8.95 -14.08 0.13
N ASN A 254 -9.81 -15.10 0.13
CA ASN A 254 -9.72 -16.18 1.11
C ASN A 254 -8.38 -16.90 1.04
N LEU A 255 -7.82 -17.04 -0.16
CA LEU A 255 -6.51 -17.63 -0.30
C LEU A 255 -5.41 -16.75 0.35
N CYS A 256 -5.52 -15.44 0.18
CA CYS A 256 -4.63 -14.48 0.86
C CYS A 256 -4.72 -14.59 2.37
N TRP A 257 -5.89 -14.94 2.86
CA TRP A 257 -6.11 -15.14 4.30
C TRP A 257 -5.87 -16.60 4.76
N THR A 258 -4.97 -17.30 4.08
CA THR A 258 -4.45 -18.58 4.58
C THR A 258 -3.70 -18.36 5.92
N TYR A 259 -4.20 -18.99 6.98
CA TYR A 259 -3.61 -18.88 8.30
C TYR A 259 -2.12 -19.27 8.30
N ASP A 260 -1.83 -20.42 7.72
CA ASP A 260 -0.48 -20.96 7.68
C ASP A 260 0.33 -20.21 6.63
N VAL A 261 1.37 -19.52 7.09
CA VAL A 261 2.27 -18.74 6.22
C VAL A 261 2.80 -19.55 5.05
N GLU A 262 3.25 -20.78 5.33
CA GLU A 262 3.94 -21.59 4.31
C GLU A 262 3.00 -21.97 3.18
N ASN A 263 1.73 -22.16 3.52
CA ASN A 263 0.70 -22.50 2.55
C ASN A 263 0.07 -21.32 1.85
N ARG A 264 0.26 -20.11 2.39
CA ARG A 264 -0.27 -18.89 1.78
C ARG A 264 0.55 -18.57 0.52
N PRO A 265 -0.13 -18.17 -0.58
CA PRO A 265 0.58 -17.81 -1.81
C PRO A 265 1.47 -16.56 -1.68
N GLY A 266 2.51 -16.49 -2.51
CA GLY A 266 3.29 -15.28 -2.72
C GLY A 266 2.64 -14.41 -3.75
N PHE A 267 3.19 -13.23 -3.96
CA PHE A 267 2.63 -12.31 -4.95
C PHE A 267 2.77 -12.76 -6.42
N ALA A 268 3.80 -13.52 -6.74
CA ALA A 268 3.89 -14.17 -8.07
C ALA A 268 2.59 -14.92 -8.39
N ALA A 269 2.16 -15.79 -7.47
CA ALA A 269 0.91 -16.55 -7.66
C ALA A 269 -0.34 -15.66 -7.64
N VAL A 270 -0.37 -14.68 -6.73
CA VAL A 270 -1.50 -13.78 -6.63
C VAL A 270 -1.60 -12.92 -7.89
N GLU A 271 -0.49 -12.34 -8.31
CA GLU A 271 -0.47 -11.51 -9.52
C GLU A 271 -0.92 -12.36 -10.74
N LEU A 272 -0.38 -13.57 -10.85
CA LEU A 272 -0.73 -14.46 -11.99
C LEU A 272 -2.21 -14.77 -12.03
N ARG A 273 -2.78 -15.06 -10.86
CA ARG A 273 -4.24 -15.29 -10.72
C ARG A 273 -5.07 -14.10 -11.18
N LEU A 274 -4.67 -12.90 -10.77
CA LEU A 274 -5.37 -11.68 -11.14
C LEU A 274 -5.18 -11.35 -12.63
N ARG A 275 -3.96 -11.48 -13.11
CA ARG A 275 -3.63 -11.23 -14.52
C ARG A 275 -4.55 -12.05 -15.45
N ASN A 276 -4.62 -13.35 -15.22
CA ASN A 276 -5.41 -14.28 -16.06
C ASN A 276 -6.89 -13.95 -15.97
N TYR A 277 -7.38 -13.77 -14.75
CA TYR A 277 -8.76 -13.37 -14.55
C TYR A 277 -9.10 -12.05 -15.23
N TYR A 278 -8.21 -11.08 -15.11
CA TYR A 278 -8.43 -9.78 -15.72
C TYR A 278 -8.54 -9.93 -17.24
N TYR A 279 -7.59 -10.65 -17.84
CA TYR A 279 -7.60 -10.86 -19.29
C TYR A 279 -8.65 -11.86 -19.78
N ASP A 280 -9.19 -12.69 -18.87
CA ASP A 280 -10.44 -13.42 -19.12
C ASP A 280 -11.64 -12.48 -19.23
N VAL A 281 -11.71 -11.47 -18.37
CA VAL A 281 -12.75 -10.44 -18.44
C VAL A 281 -12.60 -9.56 -19.69
N VAL A 282 -11.36 -9.20 -20.03
CA VAL A 282 -11.09 -8.38 -21.22
C VAL A 282 -11.43 -9.17 -22.49
N ASN A 283 -11.20 -10.49 -22.49
CA ASN A 283 -11.56 -11.34 -23.63
C ASN A 283 -13.07 -11.45 -23.81
C4 8OR B . 1.38 10.95 -0.91
C5 8OR B . 0.43 11.47 -1.82
C6 8OR B . -0.87 11.76 -1.33
N1 8OR B . -1.15 11.51 -0.01
N3 8OR B . 1.03 10.75 0.37
CAA 8OR B . -7.53 15.51 -0.88
SBD 8OR B . -7.46 13.78 -1.34
OAD 8OR B . -8.20 13.61 -2.62
OAE 8OR B . -7.99 12.92 -0.21
CAV 8OR B . -5.78 13.34 -1.60
CAI 8OR B . -5.18 13.50 -2.84
CAG 8OR B . -3.83 13.13 -3.03
CAH 8OR B . -5.07 12.83 -0.53
CAF 8OR B . -3.74 12.46 -0.71
CAU 8OR B . -3.09 12.60 -1.95
NAR 8OR B . -1.80 12.25 -2.19
CAY 8OR B . 0.84 11.66 -3.16
OAC 8OR B . 0.06 12.10 -4.02
NAT 8OR B . 2.13 11.35 -3.54
CAO 8OR B . 3.05 10.84 -2.62
CAJ 8OR B . 2.69 10.63 -1.30
C2 8OR B . -0.21 11.00 0.83
NAS 8OR B . -0.41 10.75 2.13
CBC 8OR B . -1.69 10.48 2.84
CAN 8OR B . -2.56 11.73 2.88
CAL 8OR B . -3.77 11.51 3.80
CAK 8OR B . -4.58 10.29 3.32
CAM 8OR B . -3.72 9.01 3.23
CBB 8OR B . -2.47 9.23 2.33
NAB 8OR B . -1.64 7.98 2.35
#